data_7ZBR
#
_entry.id   7ZBR
#
_cell.length_a   70.492
_cell.length_b   70.492
_cell.length_c   213.961
_cell.angle_alpha   90.000
_cell.angle_beta   90.000
_cell.angle_gamma   120.000
#
_symmetry.space_group_name_H-M   'P 32 2 1'
#
_entity_poly.entity_id   1
_entity_poly.type   'polypeptide(L)'
_entity_poly.pdbx_seq_one_letter_code
;MAHHHHHHMEKTLSNAAIATESISNQALPSHYNYPNSLTLKNKYGITNHKDFTNKCAHDSAKAAINLRQEEPPKKFDSSY
LKYLHKQLFKETFEWAGHTRDLPFTFADGTVGVMPEMIRSNWRTEQPIIFATGNKVQDGLKNIDKMLIEKNNLQGLSHKE
FIENIAEIFACLNYTHPFREGNGRTQRIFCEKLAQAAGYYLDFSVVTKERMSEASITAAQDSNLEPMKKLFDDISNPIKT
AVLKECINSLKNIDHKNINDCIIVAADKGLTYKGIYTDNSPDSIILKTDNIYIICSKNDLAPEQLKTLKLGDECTITVPM
KQNIENTLIPKEKLPPLTKNAIIENIKKDTLIQAKLRQVTHLSKLVYGSSKILNNQLELINTNQKSGEQLSAQITSSPQS
ISKLAGIKIFGMKNSMRKKAEDNIIKLANSIKSYGSAVKNVETTMIQQHKSEQKRLSKTVKLPSTKLQNILNLPEEKQKE
VLLEEKSLASSIGKELTDFISSLNARLSPSERKMILESNHQQFAKNVGISESQAETIIKTAQKAKEVYQKMQKPAVDLTK
HLIVSG
;
_entity_poly.pdbx_strand_id   A
#
# COMPACT_ATOMS: atom_id res chain seq x y z
N SER A 24 23.83 25.99 -47.59
CA SER A 24 24.72 26.97 -46.95
C SER A 24 25.64 26.26 -45.95
N ASN A 25 26.94 26.25 -46.26
CA ASN A 25 27.93 25.56 -45.43
C ASN A 25 28.03 26.26 -44.08
N GLN A 26 27.55 25.60 -43.02
CA GLN A 26 27.59 26.18 -41.69
C GLN A 26 27.36 25.08 -40.66
N ALA A 27 27.51 25.44 -39.40
CA ALA A 27 27.29 24.53 -38.27
C ALA A 27 25.93 24.84 -37.65
N LEU A 28 25.06 23.84 -37.62
CA LEU A 28 23.68 24.03 -37.15
C LEU A 28 23.25 22.86 -36.30
N PRO A 29 22.38 23.09 -35.30
CA PRO A 29 21.74 21.96 -34.62
C PRO A 29 20.90 21.09 -35.55
N SER A 30 20.27 21.69 -36.56
CA SER A 30 19.40 20.94 -37.45
C SER A 30 20.12 19.81 -38.16
N HIS A 31 21.45 19.90 -38.28
CA HIS A 31 22.21 18.85 -38.94
C HIS A 31 22.31 17.57 -38.11
N TYR A 32 21.89 17.60 -36.84
CA TYR A 32 21.82 16.38 -36.06
C TYR A 32 20.66 15.48 -36.49
N ASN A 33 19.74 15.98 -37.31
CA ASN A 33 18.60 15.22 -37.78
C ASN A 33 18.56 15.25 -39.30
N TYR A 34 17.77 14.35 -39.88
CA TYR A 34 17.52 14.40 -41.31
C TYR A 34 16.61 15.59 -41.61
N PRO A 35 16.63 16.09 -42.85
CA PRO A 35 15.91 17.34 -43.15
C PRO A 35 14.44 17.24 -42.80
N ASN A 36 13.93 18.26 -42.12
CA ASN A 36 12.51 18.38 -41.79
C ASN A 36 11.99 17.12 -41.13
N SER A 37 12.80 16.55 -40.23
CA SER A 37 12.46 15.28 -39.62
C SER A 37 13.00 15.22 -38.20
N LEU A 38 12.26 14.55 -37.33
CA LEU A 38 12.72 14.28 -35.97
C LEU A 38 13.75 13.16 -35.91
N THR A 39 13.87 12.37 -36.98
CA THR A 39 14.81 11.27 -36.99
C THR A 39 16.23 11.79 -36.88
N LEU A 40 16.94 11.36 -35.85
CA LEU A 40 18.34 11.72 -35.70
C LEU A 40 19.19 11.02 -36.75
N LYS A 41 20.17 11.74 -37.29
CA LYS A 41 21.10 11.11 -38.22
C LYS A 41 21.75 9.90 -37.58
N ASN A 42 21.73 8.76 -38.30
CA ASN A 42 22.23 7.52 -37.76
C ASN A 42 22.93 6.72 -38.85
N LYS A 43 23.80 5.80 -38.42
CA LYS A 43 24.49 4.92 -39.35
C LYS A 43 23.54 3.91 -39.99
N TYR A 44 22.47 3.53 -39.28
CA TYR A 44 21.56 2.52 -39.80
C TYR A 44 21.06 2.88 -41.19
N GLY A 45 20.84 4.18 -41.45
CA GLY A 45 20.26 4.64 -42.69
C GLY A 45 18.76 4.74 -42.67
N ILE A 46 18.09 4.11 -41.70
CA ILE A 46 16.64 4.21 -41.59
C ILE A 46 16.25 5.66 -41.35
N THR A 47 15.21 6.12 -42.05
CA THR A 47 14.72 7.48 -41.94
C THR A 47 13.43 7.62 -41.15
N ASN A 48 12.53 6.63 -41.23
CA ASN A 48 11.32 6.67 -40.44
C ASN A 48 11.67 6.71 -38.96
N HIS A 49 11.04 7.64 -38.23
CA HIS A 49 11.40 7.82 -36.83
C HIS A 49 10.99 6.61 -35.99
N LYS A 50 9.84 6.00 -36.29
CA LYS A 50 9.39 4.84 -35.54
C LYS A 50 10.39 3.70 -35.62
N ASP A 51 10.77 3.32 -36.84
CA ASP A 51 11.71 2.22 -37.03
C ASP A 51 13.06 2.54 -36.40
N PHE A 52 13.52 3.78 -36.55
CA PHE A 52 14.80 4.17 -35.97
C PHE A 52 14.78 4.06 -34.46
N THR A 53 13.70 4.54 -33.83
CA THR A 53 13.59 4.44 -32.37
C THR A 53 13.57 2.98 -31.93
N ASN A 54 12.79 2.14 -32.63
CA ASN A 54 12.71 0.74 -32.25
C ASN A 54 14.08 0.07 -32.34
N LYS A 55 14.78 0.26 -33.47
CA LYS A 55 16.10 -0.33 -33.63
C LYS A 55 17.07 0.18 -32.57
N CYS A 56 17.05 1.48 -32.31
CA CYS A 56 17.98 2.07 -31.36
C CYS A 56 17.77 1.49 -29.96
N ALA A 57 16.51 1.40 -29.53
CA ALA A 57 16.23 0.83 -28.21
C ALA A 57 16.58 -0.65 -28.16
N HIS A 58 16.30 -1.38 -29.25
CA HIS A 58 16.62 -2.81 -29.28
C HIS A 58 18.11 -3.04 -29.09
N ASP A 59 18.95 -2.26 -29.77
CA ASP A 59 20.39 -2.41 -29.60
C ASP A 59 20.85 -1.85 -28.25
N SER A 60 20.20 -0.80 -27.76
CA SER A 60 20.59 -0.19 -26.49
C SER A 60 20.39 -1.16 -25.35
N ALA A 61 19.31 -1.94 -25.36
CA ALA A 61 19.09 -2.92 -24.30
C ALA A 61 20.25 -3.91 -24.22
N LYS A 62 20.66 -4.46 -25.37
CA LYS A 62 21.77 -5.41 -25.39
C LYS A 62 23.05 -4.77 -24.91
N ALA A 63 23.33 -3.55 -25.38
CA ALA A 63 24.55 -2.86 -24.97
C ALA A 63 24.55 -2.65 -23.46
N ALA A 64 23.41 -2.25 -22.89
CA ALA A 64 23.32 -2.02 -21.45
C ALA A 64 23.55 -3.32 -20.68
N ILE A 65 23.00 -4.43 -21.17
CA ILE A 65 23.22 -5.71 -20.50
C ILE A 65 24.71 -6.04 -20.48
N ASN A 66 25.37 -5.93 -21.64
CA ASN A 66 26.79 -6.26 -21.69
C ASN A 66 27.60 -5.31 -20.81
N LEU A 67 27.24 -4.03 -20.77
CA LEU A 67 27.94 -3.08 -19.93
C LEU A 67 27.78 -3.44 -18.45
N ARG A 68 26.58 -3.87 -18.06
CA ARG A 68 26.38 -4.29 -16.68
C ARG A 68 27.17 -5.55 -16.35
N GLN A 69 27.42 -6.40 -17.35
CA GLN A 69 28.29 -7.55 -17.12
C GLN A 69 29.69 -7.12 -16.71
N GLU A 70 30.22 -6.07 -17.34
CA GLU A 70 31.61 -5.70 -17.14
C GLU A 70 31.87 -5.28 -15.69
N GLU A 71 33.13 -5.42 -15.28
CA GLU A 71 33.55 -4.99 -13.95
C GLU A 71 33.70 -3.47 -13.91
N PRO A 72 33.42 -2.84 -12.78
CA PRO A 72 33.54 -1.38 -12.70
C PRO A 72 34.98 -0.94 -12.84
N PRO A 73 35.22 0.29 -13.30
CA PRO A 73 36.59 0.82 -13.33
C PRO A 73 37.05 1.26 -11.96
N LYS A 74 38.36 1.38 -11.82
CA LYS A 74 38.94 1.90 -10.58
C LYS A 74 38.48 3.34 -10.34
N LYS A 75 38.43 4.14 -11.39
CA LYS A 75 38.07 5.55 -11.30
C LYS A 75 36.82 5.83 -12.11
N PHE A 76 35.98 6.72 -11.61
CA PHE A 76 34.80 7.20 -12.32
C PHE A 76 35.01 8.64 -12.71
N ASP A 77 34.87 8.93 -14.01
CA ASP A 77 35.19 10.24 -14.54
C ASP A 77 34.41 10.45 -15.83
N SER A 78 34.66 11.59 -16.48
CA SER A 78 33.98 11.90 -17.73
C SER A 78 34.36 10.89 -18.81
N SER A 79 35.61 10.44 -18.82
CA SER A 79 36.06 9.51 -19.85
C SER A 79 35.31 8.19 -19.76
N TYR A 80 35.06 7.70 -18.56
CA TYR A 80 34.31 6.46 -18.41
C TYR A 80 32.87 6.63 -18.90
N LEU A 81 32.26 7.78 -18.63
CA LEU A 81 30.91 8.04 -19.13
C LEU A 81 30.91 8.08 -20.66
N LYS A 82 31.93 8.70 -21.25
CA LYS A 82 32.05 8.69 -22.71
C LYS A 82 32.19 7.27 -23.24
N TYR A 83 32.95 6.43 -22.52
CA TYR A 83 33.07 5.03 -22.92
C TYR A 83 31.71 4.34 -22.86
N LEU A 84 30.94 4.57 -21.80
CA LEU A 84 29.61 3.99 -21.70
C LEU A 84 28.75 4.40 -22.89
N HIS A 85 28.72 5.70 -23.18
CA HIS A 85 27.90 6.19 -24.29
C HIS A 85 28.36 5.58 -25.61
N LYS A 86 29.68 5.52 -25.82
CA LYS A 86 30.21 4.95 -27.06
C LYS A 86 29.79 3.50 -27.22
N GLN A 87 29.92 2.71 -26.15
CA GLN A 87 29.55 1.31 -26.23
C GLN A 87 28.05 1.14 -26.43
N LEU A 88 27.25 2.09 -25.93
CA LEU A 88 25.80 1.99 -26.12
C LEU A 88 25.41 2.31 -27.56
N PHE A 89 25.98 3.38 -28.14
CA PHE A 89 25.49 3.90 -29.41
C PHE A 89 26.53 3.83 -30.53
N LYS A 90 27.50 2.93 -30.42
CA LYS A 90 28.55 2.87 -31.45
C LYS A 90 27.96 2.55 -32.82
N GLU A 91 27.04 1.58 -32.88
CA GLU A 91 26.43 1.19 -34.14
C GLU A 91 25.36 2.17 -34.61
N THR A 92 24.94 3.10 -33.75
CA THR A 92 23.78 3.93 -34.02
C THR A 92 24.14 5.33 -34.51
N PHE A 93 25.03 6.03 -33.81
CA PHE A 93 25.31 7.44 -34.06
C PHE A 93 26.75 7.61 -34.51
N GLU A 94 26.94 8.37 -35.60
CA GLU A 94 28.29 8.77 -35.98
C GLU A 94 28.93 9.62 -34.89
N TRP A 95 28.12 10.29 -34.07
CA TRP A 95 28.59 11.13 -32.99
C TRP A 95 28.57 10.42 -31.64
N ALA A 96 28.36 9.11 -31.62
CA ALA A 96 28.38 8.37 -30.37
C ALA A 96 29.68 8.59 -29.63
N GLY A 97 29.57 9.00 -28.35
CA GLY A 97 30.72 9.25 -27.52
C GLY A 97 31.21 10.67 -27.52
N HIS A 98 30.64 11.55 -28.34
CA HIS A 98 31.05 12.94 -28.43
C HIS A 98 30.02 13.82 -27.75
N THR A 99 30.48 14.75 -26.93
CA THR A 99 29.58 15.66 -26.23
C THR A 99 28.92 16.61 -27.22
N ARG A 100 27.69 17.03 -26.87
CA ARG A 100 26.90 17.86 -27.76
C ARG A 100 27.56 19.22 -27.98
N ASP A 101 28.17 19.78 -26.93
CA ASP A 101 28.74 21.12 -27.02
C ASP A 101 29.84 21.18 -28.08
N LEU A 102 30.64 20.12 -28.19
CA LEU A 102 31.69 20.09 -29.18
C LEU A 102 31.09 19.98 -30.57
N PRO A 103 31.33 20.92 -31.48
CA PRO A 103 30.86 20.74 -32.85
C PRO A 103 31.40 19.45 -33.45
N PHE A 104 30.52 18.67 -34.07
CA PHE A 104 30.85 17.37 -34.60
C PHE A 104 30.49 17.33 -36.08
N THR A 105 31.48 17.01 -36.91
CA THR A 105 31.23 16.83 -38.33
C THR A 105 30.72 15.43 -38.61
N PHE A 106 29.70 15.33 -39.45
CA PHE A 106 29.23 14.04 -39.94
C PHE A 106 30.01 13.65 -41.18
N ALA A 107 30.12 12.34 -41.40
CA ALA A 107 30.72 11.86 -42.64
C ALA A 107 29.93 12.32 -43.86
N ASP A 108 28.67 12.72 -43.67
CA ASP A 108 27.86 13.28 -44.74
C ASP A 108 28.29 14.69 -45.12
N GLY A 109 29.18 15.31 -44.35
CA GLY A 109 29.66 16.65 -44.63
C GLY A 109 29.05 17.74 -43.77
N THR A 110 28.00 17.41 -43.00
CA THR A 110 27.33 18.39 -42.17
C THR A 110 28.09 18.59 -40.85
N VAL A 111 27.71 19.65 -40.13
CA VAL A 111 28.31 19.98 -38.84
C VAL A 111 27.17 20.23 -37.85
N GLY A 112 27.22 19.54 -36.72
CA GLY A 112 26.18 19.61 -35.70
C GLY A 112 26.67 20.28 -34.43
N VAL A 113 25.80 21.08 -33.81
CA VAL A 113 26.09 21.73 -32.54
C VAL A 113 24.79 21.80 -31.74
N MET A 114 24.93 21.90 -30.42
CA MET A 114 23.79 22.05 -29.54
C MET A 114 24.14 22.95 -28.37
N PRO A 115 24.51 24.21 -28.64
CA PRO A 115 24.87 25.11 -27.53
C PRO A 115 23.75 25.35 -26.53
N GLU A 116 22.50 25.32 -26.97
CA GLU A 116 21.35 25.57 -26.11
C GLU A 116 20.39 24.38 -26.17
N MET A 117 19.96 23.91 -25.00
CA MET A 117 18.95 22.87 -24.88
C MET A 117 17.92 23.31 -23.86
N ILE A 118 16.65 23.19 -24.22
CA ILE A 118 15.54 23.55 -23.35
C ILE A 118 14.47 22.49 -23.48
N ARG A 119 13.78 22.21 -22.37
CA ARG A 119 12.57 21.39 -22.40
C ARG A 119 11.54 22.01 -21.48
N SER A 120 10.26 21.80 -21.78
CA SER A 120 9.15 22.43 -21.02
C SER A 120 8.41 21.40 -20.19
N ASN A 121 8.31 21.61 -18.87
CA ASN A 121 7.43 20.74 -18.06
C ASN A 121 6.09 21.07 -18.69
N TRP A 122 5.22 20.09 -18.94
CA TRP A 122 3.92 20.36 -19.62
C TRP A 122 2.95 20.83 -18.56
N ARG A 123 3.21 20.47 -17.30
CA ARG A 123 2.36 20.90 -16.19
C ARG A 123 2.35 22.42 -16.06
N THR A 124 3.52 23.05 -16.22
CA THR A 124 3.67 24.48 -16.05
C THR A 124 4.01 25.22 -17.33
N GLU A 125 4.40 24.51 -18.40
CA GLU A 125 4.83 25.13 -19.65
C GLU A 125 5.95 26.13 -19.43
N GLN A 126 6.72 25.97 -18.33
CA GLN A 126 7.83 26.84 -18.00
C GLN A 126 9.13 26.30 -18.57
N PRO A 127 10.07 27.17 -18.92
CA PRO A 127 11.32 26.69 -19.50
C PRO A 127 12.16 25.93 -18.48
N ILE A 128 12.88 24.93 -18.97
CA ILE A 128 13.85 24.18 -18.18
C ILE A 128 15.11 24.14 -19.02
N ILE A 129 16.13 24.87 -18.58
CA ILE A 129 17.35 25.09 -19.35
C ILE A 129 18.41 24.11 -18.86
N PHE A 130 19.02 23.38 -19.79
CA PHE A 130 20.15 22.53 -19.49
C PHE A 130 21.42 23.36 -19.50
N ALA A 131 22.58 22.70 -19.41
CA ALA A 131 23.84 23.41 -19.55
C ALA A 131 23.97 23.99 -20.96
N THR A 132 24.74 25.05 -21.07
CA THR A 132 24.89 25.78 -22.33
C THR A 132 26.37 25.88 -22.69
N GLY A 133 26.73 25.39 -23.87
CA GLY A 133 28.08 25.55 -24.37
C GLY A 133 29.11 24.96 -23.43
N ASN A 134 30.20 25.69 -23.23
CA ASN A 134 31.33 25.15 -22.49
C ASN A 134 30.96 24.81 -21.06
N LYS A 135 29.85 25.34 -20.55
CA LYS A 135 29.40 24.97 -19.21
C LYS A 135 29.33 23.46 -19.08
N VAL A 136 28.90 22.77 -20.15
CA VAL A 136 28.90 21.31 -20.13
C VAL A 136 30.23 20.80 -19.60
N GLN A 137 31.33 21.16 -20.28
CA GLN A 137 32.64 20.72 -19.85
C GLN A 137 32.85 21.01 -18.36
N ASP A 138 32.55 22.25 -17.95
CA ASP A 138 32.75 22.62 -16.55
C ASP A 138 32.06 21.61 -15.65
N GLY A 139 30.77 21.36 -15.90
CA GLY A 139 30.07 20.36 -15.11
C GLY A 139 30.86 19.07 -15.01
N LEU A 140 31.22 18.51 -16.17
CA LEU A 140 32.00 17.29 -16.19
C LEU A 140 33.25 17.45 -15.33
N LYS A 141 34.02 18.51 -15.59
CA LYS A 141 35.22 18.75 -14.78
C LYS A 141 34.84 18.78 -13.31
N ASN A 142 33.84 19.61 -12.96
CA ASN A 142 33.41 19.67 -11.57
C ASN A 142 33.12 18.28 -11.04
N ILE A 143 32.35 17.50 -11.80
CA ILE A 143 31.98 16.16 -11.35
C ILE A 143 33.25 15.37 -11.02
N ASP A 144 34.22 15.38 -11.93
CA ASP A 144 35.42 14.60 -11.71
C ASP A 144 36.08 14.99 -10.40
N LYS A 145 36.15 16.28 -10.11
CA LYS A 145 36.77 16.72 -8.86
C LYS A 145 36.12 16.02 -7.68
N MET A 146 34.79 16.01 -7.62
CA MET A 146 34.10 15.36 -6.52
C MET A 146 34.36 13.86 -6.53
N LEU A 147 34.42 13.27 -7.72
CA LEU A 147 34.70 11.84 -7.82
C LEU A 147 36.16 11.52 -7.56
N ILE A 148 36.99 12.53 -7.34
CA ILE A 148 38.39 12.31 -6.97
C ILE A 148 38.51 12.39 -5.45
N GLU A 149 38.13 13.54 -4.89
CA GLU A 149 38.27 13.74 -3.45
C GLU A 149 37.40 12.77 -2.66
N LYS A 150 36.17 12.54 -3.11
CA LYS A 150 35.26 11.64 -2.40
C LYS A 150 35.54 10.17 -2.67
N ASN A 151 36.65 9.85 -3.34
CA ASN A 151 37.08 8.46 -3.54
C ASN A 151 35.98 7.62 -4.17
N ASN A 152 35.43 8.12 -5.28
CA ASN A 152 34.36 7.43 -6.00
C ASN A 152 33.21 7.05 -5.06
N LEU A 153 32.96 7.88 -4.06
CA LEU A 153 31.87 7.68 -3.12
C LEU A 153 31.97 6.32 -2.44
N GLN A 154 33.17 6.00 -1.95
CA GLN A 154 33.42 4.76 -1.24
C GLN A 154 33.91 5.07 0.17
N GLY A 155 33.53 4.21 1.11
CA GLY A 155 33.87 4.45 2.50
C GLY A 155 33.03 5.51 3.16
N LEU A 156 32.00 6.00 2.50
CA LEU A 156 31.16 7.08 3.01
C LEU A 156 29.89 6.51 3.62
N SER A 157 29.32 7.23 4.57
CA SER A 157 28.12 6.79 5.25
C SER A 157 26.97 6.70 4.24
N HIS A 158 25.85 6.13 4.70
CA HIS A 158 24.66 6.04 3.86
C HIS A 158 24.19 7.43 3.43
N LYS A 159 24.07 8.36 4.39
CA LYS A 159 23.56 9.68 4.07
C LYS A 159 24.51 10.45 3.15
N GLU A 160 25.82 10.39 3.43
CA GLU A 160 26.79 11.06 2.58
C GLU A 160 26.72 10.53 1.16
N PHE A 161 26.66 9.20 1.03
CA PHE A 161 26.58 8.60 -0.29
C PHE A 161 25.31 9.02 -1.03
N ILE A 162 24.18 9.02 -0.32
CA ILE A 162 22.93 9.44 -0.95
C ILE A 162 23.04 10.87 -1.45
N GLU A 163 23.51 11.78 -0.59
CA GLU A 163 23.62 13.18 -0.98
C GLU A 163 24.54 13.36 -2.18
N ASN A 164 25.73 12.75 -2.11
CA ASN A 164 26.71 12.93 -3.17
C ASN A 164 26.23 12.36 -4.49
N ILE A 165 25.64 11.15 -4.47
CA ILE A 165 25.18 10.54 -5.70
C ILE A 165 24.00 11.31 -6.26
N ALA A 166 23.13 11.84 -5.41
CA ALA A 166 22.04 12.69 -5.88
C ALA A 166 22.60 13.92 -6.59
N GLU A 167 23.60 14.56 -5.97
CA GLU A 167 24.21 15.72 -6.61
C GLU A 167 24.81 15.36 -7.95
N ILE A 168 25.52 14.23 -8.01
CA ILE A 168 26.18 13.83 -9.25
C ILE A 168 25.16 13.53 -10.34
N PHE A 169 24.13 12.76 -10.02
CA PHE A 169 23.11 12.43 -11.01
C PHE A 169 22.38 13.68 -11.49
N ALA A 170 22.04 14.58 -10.58
CA ALA A 170 21.36 15.81 -10.98
C ALA A 170 22.25 16.67 -11.85
N CYS A 171 23.54 16.77 -11.51
CA CYS A 171 24.45 17.56 -12.32
C CYS A 171 24.62 16.94 -13.71
N LEU A 172 24.65 15.60 -13.77
CA LEU A 172 24.71 14.95 -15.07
C LEU A 172 23.45 15.24 -15.89
N ASN A 173 22.28 15.19 -15.24
CA ASN A 173 21.04 15.48 -15.95
C ASN A 173 21.03 16.91 -16.47
N TYR A 174 21.45 17.86 -15.64
CA TYR A 174 21.53 19.26 -16.07
C TYR A 174 22.53 19.42 -17.20
N THR A 175 23.69 18.78 -17.09
CA THR A 175 24.72 18.87 -18.11
C THR A 175 24.18 18.41 -19.46
N HIS A 176 23.45 17.30 -19.48
CA HIS A 176 22.96 16.69 -20.70
C HIS A 176 24.12 16.59 -21.71
N PRO A 177 25.21 15.93 -21.32
CA PRO A 177 26.43 16.00 -22.13
C PRO A 177 26.24 15.55 -23.58
N PHE A 178 25.38 14.57 -23.83
CA PHE A 178 25.19 14.01 -25.16
C PHE A 178 23.83 14.44 -25.70
N ARG A 179 23.79 14.76 -27.00
CA ARG A 179 22.56 15.17 -27.65
C ARG A 179 21.38 14.30 -27.22
N GLU A 180 21.50 12.99 -27.42
CA GLU A 180 20.50 12.04 -26.95
C GLU A 180 21.21 10.86 -26.31
N GLY A 181 20.50 10.18 -25.41
CA GLY A 181 21.01 9.00 -24.75
C GLY A 181 21.59 9.24 -23.38
N ASN A 182 21.59 10.48 -22.89
CA ASN A 182 22.22 10.76 -21.60
C ASN A 182 21.47 10.12 -20.44
N GLY A 183 20.17 9.87 -20.59
CA GLY A 183 19.43 9.25 -19.51
C GLY A 183 19.91 7.84 -19.20
N ARG A 184 20.02 7.00 -20.24
CA ARG A 184 20.41 5.62 -20.03
C ARG A 184 21.88 5.52 -19.61
N THR A 185 22.75 6.33 -20.20
CA THR A 185 24.15 6.34 -19.80
C THR A 185 24.29 6.79 -18.35
N GLN A 186 23.52 7.80 -17.95
CA GLN A 186 23.53 8.21 -16.55
C GLN A 186 23.07 7.08 -15.64
N ARG A 187 22.00 6.38 -16.03
CA ARG A 187 21.53 5.26 -15.23
C ARG A 187 22.63 4.22 -15.04
N ILE A 188 23.28 3.83 -16.14
CA ILE A 188 24.31 2.79 -16.05
C ILE A 188 25.49 3.27 -15.23
N PHE A 189 25.92 4.52 -15.44
CA PHE A 189 27.04 5.07 -14.69
C PHE A 189 26.76 5.05 -13.20
N CYS A 190 25.57 5.51 -12.81
CA CYS A 190 25.22 5.52 -11.40
C CYS A 190 25.09 4.10 -10.84
N GLU A 191 24.54 3.18 -11.63
CA GLU A 191 24.40 1.80 -11.16
C GLU A 191 25.77 1.19 -10.87
N LYS A 192 26.73 1.36 -11.80
CA LYS A 192 28.06 0.80 -11.58
C LYS A 192 28.77 1.50 -10.43
N LEU A 193 28.60 2.82 -10.31
CA LEU A 193 29.23 3.55 -9.21
C LEU A 193 28.70 3.06 -7.86
N ALA A 194 27.39 2.91 -7.74
CA ALA A 194 26.82 2.40 -6.50
C ALA A 194 27.28 0.97 -6.24
N GLN A 195 27.31 0.13 -7.28
CA GLN A 195 27.83 -1.22 -7.15
C GLN A 195 29.22 -1.20 -6.54
N ALA A 196 30.07 -0.31 -7.04
CA ALA A 196 31.39 -0.15 -6.45
C ALA A 196 31.30 0.29 -4.99
N ALA A 197 30.37 1.20 -4.69
CA ALA A 197 30.17 1.64 -3.31
C ALA A 197 29.51 0.57 -2.44
N GLY A 198 29.04 -0.52 -3.04
CA GLY A 198 28.44 -1.62 -2.30
C GLY A 198 26.93 -1.71 -2.40
N TYR A 199 26.26 -0.69 -2.95
CA TYR A 199 24.81 -0.70 -3.07
C TYR A 199 24.38 -1.25 -4.43
N TYR A 200 23.14 -1.73 -4.48
CA TYR A 200 22.51 -2.18 -5.72
C TYR A 200 21.32 -1.29 -6.02
N LEU A 201 21.30 -0.70 -7.20
CA LEU A 201 20.25 0.24 -7.60
C LEU A 201 19.27 -0.43 -8.55
N ASP A 202 17.99 -0.09 -8.37
CA ASP A 202 16.91 -0.57 -9.24
C ASP A 202 16.07 0.63 -9.66
N PHE A 203 16.18 1.01 -10.93
CA PHE A 203 15.38 2.11 -11.45
C PHE A 203 14.01 1.67 -11.97
N SER A 204 13.77 0.36 -12.07
CA SER A 204 12.47 -0.11 -12.53
C SER A 204 11.37 0.18 -11.53
N VAL A 205 11.72 0.43 -10.27
CA VAL A 205 10.73 0.76 -9.24
C VAL A 205 10.50 2.26 -9.24
N VAL A 206 11.07 2.96 -10.22
CA VAL A 206 10.96 4.41 -10.32
C VAL A 206 9.97 4.71 -11.43
N THR A 207 8.83 5.29 -11.06
CA THR A 207 7.84 5.69 -12.05
C THR A 207 8.39 6.81 -12.92
N LYS A 208 7.93 6.84 -14.18
CA LYS A 208 8.31 7.93 -15.08
C LYS A 208 8.00 9.28 -14.45
N GLU A 209 6.79 9.41 -13.89
CA GLU A 209 6.40 10.67 -13.27
C GLU A 209 7.33 11.05 -12.13
N ARG A 210 7.72 10.08 -11.30
CA ARG A 210 8.59 10.39 -10.17
C ARG A 210 9.95 10.88 -10.64
N MET A 211 10.55 10.17 -11.59
CA MET A 211 11.86 10.58 -12.12
C MET A 211 11.78 11.96 -12.75
N SER A 212 10.76 12.19 -13.56
CA SER A 212 10.60 13.48 -14.21
C SER A 212 10.42 14.59 -13.18
N GLU A 213 9.61 14.34 -12.15
CA GLU A 213 9.36 15.37 -11.14
C GLU A 213 10.63 15.68 -10.34
N ALA A 214 11.39 14.64 -9.99
CA ALA A 214 12.64 14.89 -9.27
C ALA A 214 13.61 15.68 -10.13
N SER A 215 13.73 15.31 -11.41
CA SER A 215 14.63 16.03 -12.30
C SER A 215 14.17 17.48 -12.47
N ILE A 216 12.86 17.69 -12.55
CA ILE A 216 12.34 19.04 -12.74
C ILE A 216 12.60 19.88 -11.49
N THR A 217 12.39 19.32 -10.31
CA THR A 217 12.70 20.04 -9.09
C THR A 217 14.17 20.43 -9.07
N ALA A 218 15.05 19.50 -9.39
CA ALA A 218 16.48 19.79 -9.39
C ALA A 218 16.83 20.88 -10.40
N ALA A 219 16.27 20.79 -11.61
CA ALA A 219 16.64 21.72 -12.66
C ALA A 219 16.06 23.11 -12.43
N GLN A 220 14.87 23.20 -11.83
CA GLN A 220 14.17 24.46 -11.69
C GLN A 220 14.46 25.14 -10.35
N ASP A 221 14.14 24.46 -9.25
CA ASP A 221 14.29 25.02 -7.92
C ASP A 221 15.56 24.55 -7.23
N SER A 222 16.36 23.72 -7.89
CA SER A 222 17.57 23.16 -7.28
C SER A 222 17.23 22.49 -5.94
N ASN A 223 16.13 21.73 -5.93
CA ASN A 223 15.76 20.91 -4.79
C ASN A 223 16.25 19.49 -5.03
N LEU A 224 17.29 19.09 -4.29
CA LEU A 224 17.83 17.74 -4.41
C LEU A 224 17.20 16.76 -3.43
N GLU A 225 16.35 17.22 -2.53
CA GLU A 225 15.74 16.31 -1.57
C GLU A 225 14.88 15.24 -2.23
N PRO A 226 14.03 15.55 -3.22
CA PRO A 226 13.34 14.47 -3.93
C PRO A 226 14.29 13.46 -4.55
N MET A 227 15.38 13.93 -5.15
CA MET A 227 16.36 13.02 -5.74
C MET A 227 17.05 12.19 -4.66
N LYS A 228 17.37 12.80 -3.52
CA LYS A 228 17.98 12.05 -2.42
C LYS A 228 17.05 10.94 -1.94
N LYS A 229 15.76 11.25 -1.77
CA LYS A 229 14.80 10.22 -1.37
C LYS A 229 14.70 9.13 -2.42
N LEU A 230 14.68 9.51 -3.70
CA LEU A 230 14.59 8.52 -4.77
C LEU A 230 15.76 7.55 -4.72
N PHE A 231 16.98 8.08 -4.58
CA PHE A 231 18.16 7.21 -4.54
C PHE A 231 18.19 6.39 -3.26
N ASP A 232 17.71 6.94 -2.15
CA ASP A 232 17.59 6.14 -0.93
C ASP A 232 16.66 4.96 -1.15
N ASP A 233 15.51 5.21 -1.80
CA ASP A 233 14.55 4.13 -2.03
C ASP A 233 15.12 3.06 -2.94
N ILE A 234 15.80 3.46 -4.03
CA ILE A 234 16.33 2.45 -4.95
C ILE A 234 17.63 1.84 -4.48
N SER A 235 18.24 2.37 -3.41
CA SER A 235 19.42 1.77 -2.83
C SER A 235 19.11 0.91 -1.60
N ASN A 236 18.08 1.26 -0.85
CA ASN A 236 17.69 0.48 0.33
C ASN A 236 16.82 -0.69 -0.11
N PRO A 237 17.25 -1.95 0.10
CA PRO A 237 16.50 -3.08 -0.48
C PRO A 237 15.08 -3.23 0.05
N ILE A 238 14.82 -2.86 1.31
CA ILE A 238 13.47 -3.03 1.85
C ILE A 238 12.49 -2.12 1.13
N LYS A 239 12.86 -0.85 0.96
CA LYS A 239 11.99 0.08 0.23
C LYS A 239 11.88 -0.32 -1.23
N THR A 240 12.96 -0.81 -1.82
CA THR A 240 12.91 -1.30 -3.19
C THR A 240 11.89 -2.43 -3.31
N ALA A 241 11.91 -3.37 -2.36
CA ALA A 241 10.96 -4.48 -2.39
C ALA A 241 9.53 -3.97 -2.22
N VAL A 242 9.32 -3.01 -1.31
CA VAL A 242 7.97 -2.48 -1.11
C VAL A 242 7.44 -1.87 -2.40
N LEU A 243 8.22 -0.99 -3.01
CA LEU A 243 7.76 -0.29 -4.21
C LEU A 243 7.59 -1.26 -5.38
N LYS A 244 8.53 -2.21 -5.53
CA LYS A 244 8.43 -3.18 -6.61
C LYS A 244 7.18 -4.05 -6.43
N GLU A 245 6.90 -4.47 -5.20
CA GLU A 245 5.71 -5.26 -4.93
C GLU A 245 4.45 -4.50 -5.30
N CYS A 246 4.37 -3.23 -4.88
CA CYS A 246 3.19 -2.44 -5.22
C CYS A 246 3.07 -2.25 -6.72
N ILE A 247 4.18 -1.98 -7.41
CA ILE A 247 4.14 -1.74 -8.84
C ILE A 247 3.65 -2.98 -9.57
N ASN A 248 4.18 -4.16 -9.21
CA ASN A 248 3.83 -5.38 -9.93
C ASN A 248 2.41 -5.82 -9.62
N SER A 249 2.02 -5.81 -8.35
CA SER A 249 0.68 -6.28 -7.99
C SER A 249 -0.41 -5.37 -8.56
N LEU A 250 -0.25 -4.06 -8.38
CA LEU A 250 -1.26 -3.08 -8.78
C LEU A 250 -0.85 -2.45 -10.11
N LYS A 251 -1.70 -2.57 -11.11
CA LYS A 251 -1.43 -1.99 -12.42
C LYS A 251 -2.04 -0.59 -12.58
N ASN A 252 -2.76 -0.09 -11.58
CA ASN A 252 -3.32 1.25 -11.64
C ASN A 252 -3.52 1.77 -10.22
N ILE A 253 -3.35 3.08 -10.07
CA ILE A 253 -3.52 3.77 -8.79
C ILE A 253 -4.38 5.00 -9.01
N ASP A 254 -5.41 5.18 -8.18
CA ASP A 254 -6.33 6.30 -8.29
C ASP A 254 -6.89 6.42 -9.70
N HIS A 255 -7.22 5.28 -10.30
CA HIS A 255 -7.75 5.20 -11.66
C HIS A 255 -6.73 5.64 -12.70
N LYS A 256 -5.47 5.80 -12.31
CA LYS A 256 -4.40 6.24 -13.20
C LYS A 256 -3.39 5.12 -13.38
N ASN A 257 -2.66 5.18 -14.49
CA ASN A 257 -1.59 4.22 -14.73
C ASN A 257 -0.53 4.36 -13.66
N ILE A 258 0.15 3.25 -13.36
CA ILE A 258 1.14 3.25 -12.30
C ILE A 258 2.31 4.15 -12.67
N ASN A 259 2.69 4.19 -13.96
CA ASN A 259 3.79 5.05 -14.38
C ASN A 259 3.49 6.51 -14.13
N ASP A 260 2.26 6.94 -14.41
CA ASP A 260 1.86 8.33 -14.33
C ASP A 260 1.59 8.79 -12.90
N CYS A 261 2.02 8.02 -11.91
CA CYS A 261 1.86 8.36 -10.50
C CYS A 261 3.22 8.47 -9.83
N ILE A 262 3.34 9.45 -8.94
CA ILE A 262 4.52 9.58 -8.09
C ILE A 262 4.29 8.71 -6.86
N ILE A 263 5.08 7.65 -6.72
CA ILE A 263 4.95 6.72 -5.59
C ILE A 263 6.29 6.62 -4.89
N VAL A 264 6.27 6.72 -3.56
CA VAL A 264 7.47 6.59 -2.74
C VAL A 264 7.13 5.70 -1.55
N ALA A 265 8.18 5.20 -0.89
CA ALA A 265 8.04 4.33 0.25
C ALA A 265 8.15 5.13 1.55
N ALA A 266 7.41 4.70 2.56
CA ALA A 266 7.45 5.37 3.85
C ALA A 266 8.76 5.07 4.57
N ASP A 267 9.32 6.09 5.21
CA ASP A 267 10.54 5.96 5.99
C ASP A 267 10.20 5.76 7.45
N LYS A 268 10.96 4.88 8.11
CA LYS A 268 10.64 4.48 9.48
C LYS A 268 10.68 5.67 10.43
N GLY A 269 9.77 5.67 11.40
CA GLY A 269 9.75 6.67 12.44
C GLY A 269 8.99 7.93 12.13
N LEU A 270 8.53 8.11 10.90
CA LEU A 270 7.82 9.31 10.49
C LEU A 270 6.31 9.09 10.58
N THR A 271 5.57 10.14 10.24
CA THR A 271 4.12 10.09 10.19
C THR A 271 3.66 10.56 8.81
N TYR A 272 2.63 9.91 8.29
CA TYR A 272 2.06 10.27 7.00
C TYR A 272 0.55 10.39 7.16
N LYS A 273 0.01 11.55 6.81
CA LYS A 273 -1.42 11.82 6.85
C LYS A 273 -1.90 11.92 5.40
N GLY A 274 -2.65 10.91 4.97
CA GLY A 274 -3.08 10.87 3.58
C GLY A 274 -4.46 10.28 3.42
N ILE A 275 -4.76 9.77 2.23
CA ILE A 275 -6.06 9.19 1.92
C ILE A 275 -5.83 7.77 1.44
N TYR A 276 -6.32 6.80 2.22
CA TYR A 276 -6.24 5.39 1.84
C TYR A 276 -6.97 5.21 0.51
N THR A 277 -6.23 4.92 -0.56
CA THR A 277 -6.80 4.83 -1.89
C THR A 277 -6.67 3.46 -2.52
N ASP A 278 -5.60 2.71 -2.23
CA ASP A 278 -5.42 1.39 -2.81
C ASP A 278 -4.80 0.45 -1.78
N ASN A 279 -5.16 -0.82 -1.92
CA ASN A 279 -4.76 -1.89 -1.00
C ASN A 279 -3.87 -2.85 -1.77
N SER A 280 -2.56 -2.69 -1.62
CA SER A 280 -1.63 -3.68 -2.13
C SER A 280 -1.73 -4.94 -1.29
N PRO A 281 -1.38 -6.10 -1.85
CA PRO A 281 -1.48 -7.34 -1.06
C PRO A 281 -0.70 -7.29 0.23
N ASP A 282 0.43 -6.58 0.26
CA ASP A 282 1.24 -6.45 1.46
C ASP A 282 1.45 -5.00 1.88
N SER A 283 0.80 -4.04 1.20
CA SER A 283 0.99 -2.64 1.52
C SER A 283 -0.32 -1.88 1.31
N ILE A 284 -0.40 -0.72 1.95
CA ILE A 284 -1.48 0.22 1.73
C ILE A 284 -0.88 1.47 1.09
N ILE A 285 -1.72 2.23 0.39
CA ILE A 285 -1.28 3.44 -0.29
C ILE A 285 -2.04 4.64 0.26
N LEU A 286 -1.32 5.73 0.54
CA LEU A 286 -1.90 6.97 1.03
C LEU A 286 -1.60 8.09 0.04
N LYS A 287 -2.62 8.86 -0.33
CA LYS A 287 -2.45 9.98 -1.25
C LYS A 287 -2.32 11.28 -0.46
N THR A 288 -1.31 12.08 -0.82
CA THR A 288 -1.13 13.42 -0.27
C THR A 288 -0.74 14.33 -1.43
N ASP A 289 -1.67 15.19 -1.86
CA ASP A 289 -1.40 16.16 -2.91
C ASP A 289 -0.87 15.49 -4.17
N ASN A 290 -1.46 14.33 -4.51
CA ASN A 290 -1.14 13.54 -5.69
C ASN A 290 0.18 12.79 -5.58
N ILE A 291 0.76 12.69 -4.39
CA ILE A 291 1.94 11.88 -4.14
C ILE A 291 1.51 10.70 -3.26
N TYR A 292 1.86 9.49 -3.68
CA TYR A 292 1.41 8.28 -3.03
C TYR A 292 2.53 7.70 -2.18
N ILE A 293 2.19 7.33 -0.94
CA ILE A 293 3.12 6.76 0.01
C ILE A 293 2.71 5.31 0.25
N ILE A 294 3.69 4.42 0.18
CA ILE A 294 3.48 2.98 0.35
C ILE A 294 3.84 2.63 1.78
N CYS A 295 2.87 2.18 2.56
CA CYS A 295 3.09 1.79 3.95
C CYS A 295 2.90 0.28 4.05
N SER A 296 3.94 -0.41 4.51
CA SER A 296 3.85 -1.85 4.70
C SER A 296 2.74 -2.18 5.68
N LYS A 297 1.87 -3.11 5.31
CA LYS A 297 0.86 -3.58 6.25
C LYS A 297 1.50 -4.13 7.51
N ASN A 298 2.71 -4.69 7.40
CA ASN A 298 3.41 -5.24 8.54
C ASN A 298 3.96 -4.17 9.47
N ASP A 299 3.92 -2.90 9.07
CA ASP A 299 4.32 -1.80 9.93
C ASP A 299 3.15 -1.13 10.62
N LEU A 300 1.95 -1.70 10.51
CA LEU A 300 0.75 -1.19 11.17
C LEU A 300 0.19 -2.25 12.10
N ALA A 301 -0.43 -1.78 13.18
CA ALA A 301 -1.10 -2.69 14.10
C ALA A 301 -2.38 -3.23 13.46
N PRO A 302 -2.81 -4.44 13.83
CA PRO A 302 -4.02 -5.00 13.21
C PRO A 302 -5.25 -4.15 13.44
N GLU A 303 -5.34 -3.48 14.59
CA GLU A 303 -6.52 -2.67 14.88
C GLU A 303 -6.65 -1.53 13.87
N GLN A 304 -5.53 -0.91 13.49
CA GLN A 304 -5.57 0.13 12.48
C GLN A 304 -6.09 -0.42 11.15
N LEU A 305 -5.50 -1.53 10.69
CA LEU A 305 -5.88 -2.08 9.39
C LEU A 305 -7.35 -2.46 9.36
N LYS A 306 -7.85 -3.09 10.43
CA LYS A 306 -9.28 -3.37 10.50
C LYS A 306 -10.09 -2.08 10.49
N THR A 307 -9.64 -1.07 11.23
CA THR A 307 -10.35 0.21 11.26
C THR A 307 -10.28 0.92 9.91
N LEU A 308 -9.16 0.82 9.22
CA LEU A 308 -9.00 1.52 7.96
C LEU A 308 -10.06 1.06 6.96
N LYS A 309 -10.60 2.01 6.21
CA LYS A 309 -11.60 1.75 5.19
C LYS A 309 -11.23 2.53 3.94
N LEU A 310 -11.23 1.84 2.80
CA LEU A 310 -10.73 2.45 1.56
C LEU A 310 -11.51 3.71 1.24
N GLY A 311 -10.78 4.78 0.91
CA GLY A 311 -11.36 6.06 0.59
C GLY A 311 -11.27 7.09 1.70
N ASP A 312 -11.12 6.66 2.94
CA ASP A 312 -11.11 7.59 4.07
C ASP A 312 -9.75 8.24 4.24
N GLU A 313 -9.72 9.28 5.06
CA GLU A 313 -8.47 9.96 5.41
C GLU A 313 -7.89 9.32 6.66
N CYS A 314 -6.57 9.11 6.64
CA CYS A 314 -5.91 8.32 7.67
C CYS A 314 -4.58 8.98 8.03
N THR A 315 -4.10 8.65 9.23
CA THR A 315 -2.82 9.13 9.75
C THR A 315 -2.08 7.93 10.31
N ILE A 316 -0.94 7.59 9.70
CA ILE A 316 -0.20 6.38 10.03
C ILE A 316 1.22 6.77 10.41
N THR A 317 1.69 6.29 11.55
CA THR A 317 3.06 6.48 11.99
C THR A 317 3.84 5.19 11.77
N VAL A 318 5.08 5.32 11.29
CA VAL A 318 5.90 4.18 10.94
C VAL A 318 6.75 3.80 12.15
N PRO A 319 6.63 2.59 12.69
CA PRO A 319 7.47 2.21 13.83
C PRO A 319 8.92 2.01 13.41
N MET A 320 9.81 2.11 14.40
CA MET A 320 11.22 1.80 14.17
C MET A 320 11.42 0.30 13.97
N LYS A 321 10.59 -0.53 14.59
CA LYS A 321 10.75 -1.97 14.51
C LYS A 321 9.42 -2.64 14.82
N GLN A 322 8.85 -3.34 13.85
CA GLN A 322 7.72 -4.23 14.13
C GLN A 322 8.28 -5.60 14.50
N ASN A 323 7.46 -6.38 15.20
CA ASN A 323 7.93 -7.60 15.85
C ASN A 323 9.03 -7.28 16.86
N ILE A 324 8.98 -6.07 17.44
CA ILE A 324 9.91 -5.70 18.49
C ILE A 324 9.79 -6.70 19.64
N GLU A 325 8.56 -7.11 19.95
CA GLU A 325 8.29 -8.33 20.72
C GLU A 325 8.02 -9.40 19.67
N ASN A 326 9.08 -10.11 19.25
CA ASN A 326 8.95 -11.06 18.15
C ASN A 326 7.87 -12.07 18.46
N THR A 327 6.80 -12.03 17.66
CA THR A 327 5.63 -12.87 17.86
C THR A 327 5.13 -13.30 16.49
N LEU A 328 4.84 -14.60 16.35
CA LEU A 328 4.37 -15.12 15.07
C LEU A 328 3.04 -14.48 14.69
N ILE A 329 2.12 -14.39 15.66
CA ILE A 329 0.81 -13.78 15.46
C ILE A 329 0.72 -12.57 16.39
N PRO A 330 0.47 -11.37 15.89
CA PRO A 330 0.42 -10.19 16.76
C PRO A 330 -0.90 -10.11 17.52
N LYS A 331 -0.92 -9.21 18.49
CA LYS A 331 -2.11 -8.94 19.29
C LYS A 331 -2.98 -7.89 18.60
N GLU A 332 -4.27 -7.91 18.94
CA GLU A 332 -5.19 -6.84 18.57
C GLU A 332 -5.82 -6.28 19.84
N LYS A 333 -5.68 -4.98 20.04
CA LYS A 333 -6.38 -4.29 21.11
C LYS A 333 -7.75 -3.88 20.56
N LEU A 334 -8.75 -4.71 20.80
CA LEU A 334 -10.08 -4.42 20.28
C LEU A 334 -10.60 -3.12 20.88
N PRO A 335 -10.96 -2.14 20.07
CA PRO A 335 -11.56 -0.91 20.62
C PRO A 335 -12.89 -1.23 21.29
N PRO A 336 -13.19 -0.58 22.42
CA PRO A 336 -14.50 -0.78 23.03
C PRO A 336 -15.63 -0.28 22.13
N LEU A 337 -16.80 -0.90 22.27
CA LEU A 337 -17.90 -0.63 21.36
C LEU A 337 -18.42 0.79 21.48
N THR A 338 -18.79 1.37 20.35
CA THR A 338 -19.41 2.69 20.30
C THR A 338 -20.90 2.60 20.63
N LYS A 339 -21.46 3.72 21.06
CA LYS A 339 -22.90 3.77 21.32
C LYS A 339 -23.71 3.61 20.04
N ASN A 340 -23.35 4.37 19.01
CA ASN A 340 -24.00 4.20 17.71
C ASN A 340 -23.71 2.83 17.11
N ALA A 341 -22.50 2.30 17.34
CA ALA A 341 -22.22 0.92 16.92
C ALA A 341 -23.09 -0.06 17.67
N ILE A 342 -23.32 0.17 18.97
CA ILE A 342 -24.25 -0.66 19.72
C ILE A 342 -25.63 -0.61 19.09
N ILE A 343 -26.08 0.60 18.73
CA ILE A 343 -27.41 0.75 18.15
C ILE A 343 -27.50 -0.01 16.83
N GLU A 344 -26.49 0.13 15.98
CA GLU A 344 -26.50 -0.58 14.70
C GLU A 344 -26.48 -2.09 14.91
N ASN A 345 -25.68 -2.57 15.87
CA ASN A 345 -25.61 -4.00 16.12
C ASN A 345 -26.95 -4.53 16.61
N ILE A 346 -27.62 -3.81 17.50
CA ILE A 346 -28.92 -4.29 17.98
C ILE A 346 -29.96 -4.20 16.88
N LYS A 347 -29.82 -3.23 15.95
CA LYS A 347 -30.68 -3.21 14.78
C LYS A 347 -30.46 -4.45 13.92
N LYS A 348 -29.21 -4.88 13.79
CA LYS A 348 -28.91 -6.09 13.02
C LYS A 348 -29.52 -7.32 13.66
N ASP A 349 -29.55 -7.36 15.00
CA ASP A 349 -30.06 -8.54 15.70
C ASP A 349 -31.49 -8.84 15.26
N THR A 350 -31.76 -10.15 15.07
CA THR A 350 -33.03 -10.56 14.48
C THR A 350 -34.17 -10.63 15.49
N LEU A 351 -33.88 -10.91 16.77
CA LEU A 351 -34.91 -10.83 17.79
C LEU A 351 -35.47 -9.42 17.87
N ILE A 352 -34.57 -8.43 17.87
CA ILE A 352 -35.00 -7.03 17.86
C ILE A 352 -35.81 -6.74 16.61
N GLN A 353 -35.43 -7.34 15.48
CA GLN A 353 -36.18 -7.12 14.24
C GLN A 353 -37.60 -7.68 14.35
N ALA A 354 -37.76 -8.86 14.95
CA ALA A 354 -39.09 -9.43 15.11
C ALA A 354 -39.95 -8.56 16.02
N LYS A 355 -39.40 -8.15 17.17
CA LYS A 355 -40.14 -7.28 18.06
C LYS A 355 -40.48 -5.96 17.37
N LEU A 356 -39.55 -5.43 16.57
CA LEU A 356 -39.77 -4.19 15.85
C LEU A 356 -40.90 -4.33 14.84
N ARG A 357 -40.94 -5.45 14.13
CA ARG A 357 -41.99 -5.65 13.14
C ARG A 357 -43.35 -5.77 13.81
N GLN A 358 -43.42 -6.48 14.94
CA GLN A 358 -44.68 -6.52 15.68
C GLN A 358 -45.10 -5.13 16.14
N VAL A 359 -44.14 -4.36 16.65
CA VAL A 359 -44.45 -3.01 17.14
C VAL A 359 -44.91 -2.13 15.99
N THR A 360 -44.27 -2.23 14.82
CA THR A 360 -44.66 -1.40 13.68
C THR A 360 -46.03 -1.80 13.16
N HIS A 361 -46.35 -3.09 13.18
CA HIS A 361 -47.69 -3.52 12.80
C HIS A 361 -48.74 -2.90 13.72
N LEU A 362 -48.51 -3.00 15.03
CA LEU A 362 -49.46 -2.40 15.97
C LEU A 362 -49.51 -0.89 15.82
N SER A 363 -48.38 -0.26 15.48
CA SER A 363 -48.36 1.18 15.26
C SER A 363 -49.17 1.57 14.04
N LYS A 364 -49.07 0.79 12.97
CA LYS A 364 -49.89 1.05 11.79
C LYS A 364 -51.38 0.90 12.12
N LEU A 365 -51.72 -0.11 12.92
CA LEU A 365 -53.12 -0.29 13.28
C LEU A 365 -53.63 0.85 14.15
N VAL A 366 -52.83 1.32 15.09
CA VAL A 366 -53.32 2.29 16.07
C VAL A 366 -53.27 3.71 15.51
N TYR A 367 -52.17 4.09 14.88
CA TYR A 367 -51.96 5.45 14.42
C TYR A 367 -52.24 5.64 12.94
N GLY A 368 -51.94 4.65 12.10
CA GLY A 368 -52.09 4.75 10.66
C GLY A 368 -50.79 4.70 9.90
N SER A 369 -49.64 4.81 10.56
CA SER A 369 -48.35 4.70 9.90
C SER A 369 -47.33 4.22 10.92
N SER A 370 -46.52 3.23 10.53
CA SER A 370 -45.48 2.73 11.43
C SER A 370 -44.46 3.83 11.76
N LYS A 371 -44.04 4.59 10.74
CA LYS A 371 -42.99 5.58 10.93
C LYS A 371 -43.32 6.55 12.06
N ILE A 372 -44.61 6.73 12.35
CA ILE A 372 -45.01 7.65 13.41
C ILE A 372 -44.28 7.34 14.70
N LEU A 373 -44.19 6.06 15.05
CA LEU A 373 -43.56 5.67 16.30
C LEU A 373 -42.06 5.46 16.16
N ASN A 374 -41.51 5.52 14.94
CA ASN A 374 -40.11 5.19 14.74
C ASN A 374 -39.20 6.08 15.58
N ASN A 375 -39.46 7.39 15.56
CA ASN A 375 -38.67 8.29 16.38
C ASN A 375 -38.64 7.80 17.82
N GLN A 376 -39.81 7.48 18.37
CA GLN A 376 -39.86 6.98 19.74
C GLN A 376 -39.02 5.72 19.90
N LEU A 377 -39.13 4.79 18.95
CA LEU A 377 -38.28 3.60 18.99
C LEU A 377 -36.82 3.99 19.10
N GLU A 378 -36.38 4.95 18.28
CA GLU A 378 -35.00 5.38 18.32
C GLU A 378 -34.61 5.86 19.71
N LEU A 379 -35.52 6.55 20.39
CA LEU A 379 -35.24 6.97 21.76
C LEU A 379 -34.90 5.76 22.63
N ILE A 380 -35.73 4.71 22.56
CA ILE A 380 -35.46 3.52 23.35
C ILE A 380 -34.12 2.93 22.99
N ASN A 381 -33.70 3.08 21.72
CA ASN A 381 -32.40 2.55 21.33
C ASN A 381 -31.26 3.26 22.05
N THR A 382 -31.40 4.57 22.27
CA THR A 382 -30.37 5.34 22.96
C THR A 382 -30.57 5.38 24.47
N ASN A 383 -31.38 4.46 25.01
CA ASN A 383 -31.68 4.42 26.43
C ASN A 383 -32.23 5.76 26.92
N GLN A 384 -33.10 6.35 26.12
CA GLN A 384 -33.86 7.54 26.49
C GLN A 384 -35.34 7.23 26.31
N LYS A 385 -36.18 7.77 27.22
CA LYS A 385 -37.60 7.45 27.22
C LYS A 385 -37.80 5.94 27.12
N SER A 386 -36.90 5.18 27.71
CA SER A 386 -36.82 3.74 27.52
C SER A 386 -37.75 3.00 28.46
N GLY A 387 -37.98 1.73 28.14
CA GLY A 387 -38.80 0.89 29.01
C GLY A 387 -40.25 1.32 29.01
N GLU A 388 -40.83 1.38 30.21
CA GLU A 388 -42.24 1.66 30.37
C GLU A 388 -42.58 3.14 30.27
N GLN A 389 -41.58 4.01 30.05
CA GLN A 389 -41.87 5.43 29.86
C GLN A 389 -42.70 5.63 28.60
N LEU A 390 -42.31 4.97 27.50
CA LEU A 390 -43.09 5.06 26.27
C LEU A 390 -44.39 4.28 26.40
N SER A 391 -44.32 3.06 26.94
CA SER A 391 -45.51 2.23 27.07
C SER A 391 -46.62 2.98 27.79
N ALA A 392 -46.30 3.53 28.97
CA ALA A 392 -47.27 4.33 29.70
C ALA A 392 -47.85 5.41 28.81
N GLN A 393 -46.98 6.18 28.15
CA GLN A 393 -47.44 7.27 27.31
C GLN A 393 -48.39 6.78 26.23
N ILE A 394 -48.22 5.54 25.76
CA ILE A 394 -49.13 5.00 24.76
C ILE A 394 -50.50 4.74 25.37
N THR A 395 -50.54 4.17 26.58
CA THR A 395 -51.82 3.79 27.17
C THR A 395 -52.60 5.02 27.65
N SER A 396 -51.92 5.95 28.31
CA SER A 396 -52.60 7.11 28.89
C SER A 396 -52.78 8.25 27.89
N SER A 397 -51.75 8.58 27.12
CA SER A 397 -51.77 9.73 26.24
C SER A 397 -51.33 9.33 24.84
N PRO A 398 -52.10 8.46 24.17
CA PRO A 398 -51.78 8.13 22.77
C PRO A 398 -51.86 9.33 21.84
N GLN A 399 -52.73 10.29 22.14
CA GLN A 399 -52.87 11.48 21.30
C GLN A 399 -51.60 12.33 21.30
N SER A 400 -50.75 12.22 22.33
CA SER A 400 -49.57 13.07 22.39
C SER A 400 -48.62 12.78 21.23
N ILE A 401 -48.45 11.51 20.88
CA ILE A 401 -47.55 11.15 19.79
C ILE A 401 -48.14 11.56 18.45
N SER A 402 -49.42 11.25 18.22
CA SER A 402 -50.04 11.44 16.91
C SER A 402 -51.53 11.18 17.05
N LYS A 403 -52.28 11.67 16.06
CA LYS A 403 -53.71 11.38 16.00
C LYS A 403 -53.93 9.89 15.82
N LEU A 404 -54.81 9.32 16.64
CA LEU A 404 -55.10 7.90 16.54
C LEU A 404 -55.83 7.58 15.23
N ALA A 405 -55.57 6.38 14.71
CA ALA A 405 -56.18 5.96 13.46
C ALA A 405 -57.70 6.02 13.57
N GLY A 406 -58.35 6.50 12.52
CA GLY A 406 -59.77 6.72 12.50
C GLY A 406 -60.11 8.20 12.70
N ILE A 407 -61.41 8.49 12.60
CA ILE A 407 -61.91 9.84 12.73
C ILE A 407 -63.02 9.86 13.76
N LYS A 408 -63.16 11.00 14.45
CA LYS A 408 -64.18 11.21 15.47
C LYS A 408 -64.87 12.54 15.17
N ILE A 409 -65.88 12.49 14.28
CA ILE A 409 -66.65 13.67 13.90
C ILE A 409 -67.92 13.71 14.75
N PHE A 410 -68.24 14.90 15.27
CA PHE A 410 -69.39 15.07 16.14
C PHE A 410 -69.46 13.95 17.16
N GLY A 411 -68.31 13.46 17.64
CA GLY A 411 -68.24 12.37 18.63
C GLY A 411 -68.51 11.01 18.01
N MET A 412 -68.13 10.80 16.75
CA MET A 412 -68.34 9.52 16.03
C MET A 412 -67.21 8.57 16.40
N LYS A 413 -67.41 7.26 16.28
CA LYS A 413 -66.35 6.26 16.53
C LYS A 413 -66.25 5.39 15.27
N ASN A 414 -65.40 5.76 14.32
CA ASN A 414 -65.23 5.01 13.09
C ASN A 414 -64.73 3.59 13.41
N SER A 415 -64.85 2.71 12.41
CA SER A 415 -64.31 1.36 12.59
C SER A 415 -62.82 1.41 12.90
N MET A 416 -62.08 2.26 12.19
CA MET A 416 -60.65 2.43 12.49
C MET A 416 -60.46 2.95 13.91
N ARG A 417 -61.34 3.83 14.37
CA ARG A 417 -61.24 4.35 15.73
C ARG A 417 -61.37 3.23 16.76
N LYS A 418 -62.40 2.39 16.61
CA LYS A 418 -62.57 1.27 17.54
C LYS A 418 -61.38 0.32 17.47
N LYS A 419 -60.91 0.01 16.26
CA LYS A 419 -59.78 -0.90 16.11
C LYS A 419 -58.53 -0.35 16.80
N ALA A 420 -58.24 0.93 16.60
CA ALA A 420 -57.06 1.53 17.23
C ALA A 420 -57.19 1.55 18.74
N GLU A 421 -58.37 1.92 19.26
CA GLU A 421 -58.56 1.91 20.71
C GLU A 421 -58.43 0.50 21.27
N ASP A 422 -58.75 -0.52 20.47
CA ASP A 422 -58.55 -1.89 20.92
C ASP A 422 -57.08 -2.29 20.89
N ASN A 423 -56.31 -1.78 19.93
CA ASN A 423 -54.93 -2.22 19.74
C ASN A 423 -53.90 -1.39 20.51
N ILE A 424 -54.30 -0.28 21.14
CA ILE A 424 -53.33 0.54 21.86
C ILE A 424 -52.61 -0.29 22.94
N ILE A 425 -53.35 -1.13 23.65
CA ILE A 425 -52.76 -1.89 24.76
C ILE A 425 -51.75 -2.89 24.24
N LYS A 426 -52.07 -3.58 23.14
CA LYS A 426 -51.11 -4.50 22.54
C LYS A 426 -49.87 -3.76 22.07
N LEU A 427 -50.05 -2.55 21.53
CA LEU A 427 -48.90 -1.74 21.14
C LEU A 427 -48.01 -1.47 22.35
N ALA A 428 -48.61 -1.09 23.47
CA ALA A 428 -47.82 -0.79 24.67
C ALA A 428 -47.07 -2.03 25.16
N ASN A 429 -47.74 -3.19 25.17
CA ASN A 429 -47.07 -4.41 25.59
C ASN A 429 -45.91 -4.76 24.68
N SER A 430 -46.11 -4.63 23.35
CA SER A 430 -45.03 -4.89 22.42
C SER A 430 -43.87 -3.94 22.66
N ILE A 431 -44.16 -2.69 23.01
CA ILE A 431 -43.09 -1.72 23.30
C ILE A 431 -42.30 -2.15 24.52
N LYS A 432 -42.99 -2.58 25.58
CA LYS A 432 -42.28 -3.02 26.78
C LYS A 432 -41.40 -4.23 26.48
N SER A 433 -41.93 -5.19 25.72
CA SER A 433 -41.13 -6.35 25.34
C SER A 433 -39.93 -5.94 24.51
N TYR A 434 -40.12 -4.98 23.60
CA TYR A 434 -39.01 -4.50 22.77
C TYR A 434 -37.92 -3.90 23.63
N GLY A 435 -38.29 -3.10 24.63
CA GLY A 435 -37.28 -2.51 25.49
C GLY A 435 -36.52 -3.54 26.29
N SER A 436 -37.24 -4.52 26.87
CA SER A 436 -36.57 -5.59 27.60
C SER A 436 -35.60 -6.33 26.70
N ALA A 437 -36.03 -6.66 25.48
CA ALA A 437 -35.17 -7.37 24.54
C ALA A 437 -33.94 -6.56 24.19
N VAL A 438 -34.10 -5.25 23.99
CA VAL A 438 -32.96 -4.40 23.67
C VAL A 438 -31.95 -4.45 24.82
N LYS A 439 -32.42 -4.33 26.06
CA LYS A 439 -31.49 -4.37 27.18
C LYS A 439 -30.74 -5.69 27.25
N ASN A 440 -31.47 -6.81 27.14
CA ASN A 440 -30.83 -8.12 27.23
C ASN A 440 -29.83 -8.31 26.10
N VAL A 441 -30.20 -7.91 24.87
CA VAL A 441 -29.33 -8.06 23.72
C VAL A 441 -28.07 -7.22 23.90
N GLU A 442 -28.21 -6.01 24.44
CA GLU A 442 -27.04 -5.16 24.67
C GLU A 442 -26.08 -5.82 25.65
N THR A 443 -26.62 -6.39 26.74
CA THR A 443 -25.74 -7.04 27.71
C THR A 443 -25.00 -8.22 27.08
N THR A 444 -25.72 -9.07 26.34
CA THR A 444 -25.07 -10.22 25.71
C THR A 444 -24.04 -9.78 24.67
N MET A 445 -24.36 -8.73 23.92
CA MET A 445 -23.42 -8.19 22.94
C MET A 445 -22.13 -7.75 23.61
N ILE A 446 -22.25 -7.03 24.73
CA ILE A 446 -21.06 -6.58 25.45
C ILE A 446 -20.23 -7.77 25.90
N GLN A 447 -20.90 -8.80 26.41
CA GLN A 447 -20.15 -9.98 26.86
C GLN A 447 -19.40 -10.65 25.70
N GLN A 448 -20.05 -10.79 24.55
CA GLN A 448 -19.38 -11.41 23.41
C GLN A 448 -18.21 -10.54 22.93
N HIS A 449 -18.38 -9.23 22.91
CA HIS A 449 -17.30 -8.34 22.51
C HIS A 449 -16.10 -8.48 23.47
N LYS A 450 -16.37 -8.59 24.77
CA LYS A 450 -15.29 -8.78 25.73
C LYS A 450 -14.60 -10.12 25.50
N SER A 451 -15.35 -11.16 25.19
CA SER A 451 -14.73 -12.46 24.93
C SER A 451 -13.82 -12.39 23.70
N GLU A 452 -14.27 -11.71 22.65
CA GLU A 452 -13.41 -11.51 21.48
C GLU A 452 -12.17 -10.72 21.85
N GLN A 453 -12.33 -9.71 22.73
CA GLN A 453 -11.18 -8.96 23.20
C GLN A 453 -10.18 -9.86 23.92
N LYS A 454 -10.68 -10.77 24.74
CA LYS A 454 -9.80 -11.72 25.41
C LYS A 454 -9.08 -12.61 24.40
N ARG A 455 -9.80 -13.09 23.39
CA ARG A 455 -9.16 -13.91 22.36
C ARG A 455 -8.04 -13.14 21.66
N LEU A 456 -8.30 -11.88 21.31
CA LEU A 456 -7.35 -11.10 20.52
C LEU A 456 -6.18 -10.59 21.34
N SER A 457 -6.37 -10.34 22.64
CA SER A 457 -5.25 -9.93 23.49
C SER A 457 -4.25 -11.06 23.70
N LYS A 458 -4.58 -12.29 23.31
CA LYS A 458 -3.62 -13.37 23.32
C LYS A 458 -2.53 -13.10 22.28
N THR A 459 -1.37 -13.71 22.50
CA THR A 459 -0.25 -13.59 21.58
C THR A 459 0.36 -14.96 21.34
N VAL A 460 0.94 -15.14 20.16
CA VAL A 460 1.63 -16.36 19.79
C VAL A 460 3.09 -16.01 19.58
N LYS A 461 3.98 -16.69 20.31
CA LYS A 461 5.40 -16.40 20.22
C LYS A 461 6.01 -17.05 18.98
N LEU A 462 7.04 -16.41 18.44
CA LEU A 462 7.74 -16.98 17.30
C LEU A 462 8.35 -18.32 17.71
N PRO A 463 8.24 -19.36 16.87
CA PRO A 463 8.82 -20.65 17.25
C PRO A 463 10.31 -20.52 17.50
N SER A 464 10.80 -21.25 18.50
CA SER A 464 12.21 -21.22 18.82
C SER A 464 13.03 -21.58 17.57
N THR A 465 14.31 -21.23 17.62
CA THR A 465 15.17 -21.46 16.45
C THR A 465 15.28 -22.95 16.13
N LYS A 466 15.45 -23.79 17.14
CA LYS A 466 15.51 -25.23 16.89
C LYS A 466 14.18 -25.75 16.39
N LEU A 467 13.07 -25.31 16.99
CA LEU A 467 11.75 -25.74 16.52
C LEU A 467 11.52 -25.25 15.10
N GLN A 468 11.93 -24.02 14.79
CA GLN A 468 11.78 -23.50 13.44
C GLN A 468 12.58 -24.33 12.44
N ASN A 469 13.81 -24.69 12.80
CA ASN A 469 14.63 -25.52 11.93
C ASN A 469 13.99 -26.87 11.71
N ILE A 470 13.43 -27.46 12.77
CA ILE A 470 12.74 -28.74 12.64
C ILE A 470 11.56 -28.61 11.67
N LEU A 471 10.75 -27.57 11.87
CA LEU A 471 9.53 -27.36 11.08
C LEU A 471 9.93 -27.17 9.62
N ASN A 472 11.00 -26.44 9.35
CA ASN A 472 11.40 -26.10 7.97
C ASN A 472 11.84 -27.35 7.23
N LEU A 473 12.57 -28.26 7.85
CA LEU A 473 13.14 -29.42 7.13
C LEU A 473 12.02 -30.26 6.53
N PRO A 474 12.04 -30.61 5.22
CA PRO A 474 11.01 -31.48 4.66
C PRO A 474 11.04 -32.98 4.99
N GLU A 475 12.21 -33.64 4.99
CA GLU A 475 12.31 -35.11 5.19
C GLU A 475 11.93 -35.50 6.61
N GLU A 476 12.42 -34.79 7.62
CA GLU A 476 12.09 -35.05 9.04
C GLU A 476 12.40 -36.53 9.36
N LYS A 477 11.49 -37.27 9.99
CA LYS A 477 11.70 -38.70 10.38
C LYS A 477 12.94 -38.80 11.27
N SER A 490 11.79 -34.54 23.97
CA SER A 490 10.42 -34.24 24.39
C SER A 490 10.30 -32.81 24.89
N SER A 491 11.44 -32.22 25.28
CA SER A 491 11.44 -30.80 25.63
C SER A 491 11.06 -29.95 24.43
N ILE A 492 11.62 -30.27 23.25
CA ILE A 492 11.21 -29.61 22.02
C ILE A 492 9.75 -29.92 21.74
N GLY A 493 9.33 -31.16 22.00
CA GLY A 493 7.93 -31.50 21.88
C GLY A 493 7.05 -30.68 22.81
N LYS A 494 7.52 -30.44 24.03
CA LYS A 494 6.77 -29.61 24.97
C LYS A 494 6.65 -28.19 24.46
N GLU A 495 7.74 -27.63 23.93
CA GLU A 495 7.68 -26.30 23.34
C GLU A 495 6.68 -26.26 22.18
N LEU A 496 6.69 -27.30 21.36
CA LEU A 496 5.76 -27.36 20.23
C LEU A 496 4.31 -27.42 20.70
N THR A 497 4.04 -28.20 21.75
CA THR A 497 2.68 -28.27 22.28
C THR A 497 2.24 -26.92 22.83
N ASP A 498 3.14 -26.22 23.51
CA ASP A 498 2.81 -24.88 24.00
C ASP A 498 2.53 -23.93 22.84
N PHE A 499 3.34 -24.03 21.78
CA PHE A 499 3.13 -23.19 20.60
C PHE A 499 1.76 -23.45 19.98
N ILE A 500 1.40 -24.72 19.83
CA ILE A 500 0.11 -25.07 19.24
C ILE A 500 -1.04 -24.65 20.15
N SER A 501 -0.86 -24.74 21.47
CA SER A 501 -1.88 -24.24 22.39
C SER A 501 -2.08 -22.74 22.22
N SER A 502 -0.98 -21.99 22.07
CA SER A 502 -1.10 -20.56 21.83
C SER A 502 -1.82 -20.30 20.51
N LEU A 503 -1.53 -21.09 19.48
CA LEU A 503 -2.26 -20.97 18.22
C LEU A 503 -3.76 -21.16 18.43
N ASN A 504 -4.14 -22.27 19.08
CA ASN A 504 -5.55 -22.56 19.25
C ASN A 504 -6.25 -21.47 20.06
N ALA A 505 -5.58 -20.95 21.08
CA ALA A 505 -6.17 -19.89 21.89
C ALA A 505 -6.34 -18.61 21.08
N ARG A 506 -5.29 -18.17 20.41
CA ARG A 506 -5.34 -16.91 19.68
C ARG A 506 -6.30 -16.99 18.49
N LEU A 507 -6.27 -18.08 17.75
CA LEU A 507 -7.01 -18.17 16.50
C LEU A 507 -8.47 -18.57 16.74
N SER A 508 -9.34 -18.05 15.88
CA SER A 508 -10.74 -18.44 15.86
C SER A 508 -10.91 -19.74 15.06
N PRO A 509 -11.99 -20.48 15.32
CA PRO A 509 -12.20 -21.70 14.52
C PRO A 509 -12.25 -21.43 13.03
N SER A 510 -12.88 -20.32 12.62
CA SER A 510 -12.90 -19.96 11.21
C SER A 510 -11.48 -19.73 10.69
N GLU A 511 -10.66 -19.04 11.46
CA GLU A 511 -9.29 -18.76 11.04
C GLU A 511 -8.45 -20.03 10.98
N ARG A 512 -8.67 -20.96 11.92
CA ARG A 512 -7.96 -22.24 11.85
C ARG A 512 -8.39 -23.05 10.64
N LYS A 513 -9.69 -22.98 10.28
CA LYS A 513 -10.13 -23.58 9.03
C LYS A 513 -9.41 -22.95 7.84
N MET A 514 -9.28 -21.63 7.85
CA MET A 514 -8.52 -20.96 6.79
C MET A 514 -7.09 -21.45 6.76
N ILE A 515 -6.50 -21.73 7.92
CA ILE A 515 -5.18 -22.34 7.96
C ILE A 515 -5.19 -23.67 7.21
N LEU A 516 -6.15 -24.52 7.54
CA LEU A 516 -6.21 -25.85 6.91
C LEU A 516 -6.32 -25.74 5.40
N GLU A 517 -7.18 -24.84 4.92
CA GLU A 517 -7.42 -24.70 3.48
C GLU A 517 -6.43 -23.77 2.81
N SER A 518 -5.46 -23.22 3.54
CA SER A 518 -4.46 -22.30 2.98
C SER A 518 -5.11 -21.06 2.36
N ASN A 519 -6.11 -20.52 3.06
CA ASN A 519 -6.78 -19.29 2.63
C ASN A 519 -5.98 -18.10 3.15
N HIS A 520 -4.86 -17.83 2.46
CA HIS A 520 -3.96 -16.77 2.92
C HIS A 520 -4.61 -15.40 2.81
N GLN A 521 -5.35 -15.16 1.73
CA GLN A 521 -5.94 -13.83 1.51
C GLN A 521 -6.96 -13.49 2.60
N GLN A 522 -7.92 -14.38 2.83
CA GLN A 522 -8.94 -14.10 3.84
C GLN A 522 -8.37 -14.17 5.25
N PHE A 523 -7.34 -15.00 5.46
CA PHE A 523 -6.66 -15.02 6.75
C PHE A 523 -6.02 -13.66 7.04
N ALA A 524 -5.32 -13.10 6.04
CA ALA A 524 -4.74 -11.77 6.20
C ALA A 524 -5.82 -10.73 6.43
N LYS A 525 -6.94 -10.83 5.72
CA LYS A 525 -8.04 -9.90 5.92
C LYS A 525 -8.54 -9.96 7.36
N ASN A 526 -8.77 -11.17 7.88
CA ASN A 526 -9.39 -11.32 9.19
C ASN A 526 -8.45 -10.89 10.30
N VAL A 527 -7.20 -11.35 10.28
CA VAL A 527 -6.31 -11.08 11.40
C VAL A 527 -5.58 -9.76 11.27
N GLY A 528 -5.61 -9.13 10.10
CA GLY A 528 -5.02 -7.81 9.94
C GLY A 528 -3.51 -7.82 9.79
N ILE A 529 -3.02 -8.51 8.76
CA ILE A 529 -1.58 -8.64 8.51
C ILE A 529 -1.36 -8.61 7.00
N SER A 530 -0.09 -8.42 6.62
CA SER A 530 0.28 -8.54 5.21
C SER A 530 0.16 -9.99 4.78
N GLU A 531 -0.13 -10.18 3.48
CA GLU A 531 -0.38 -11.53 2.98
C GLU A 531 0.87 -12.39 3.00
N SER A 532 2.05 -11.82 2.81
CA SER A 532 3.28 -12.59 2.96
C SER A 532 3.44 -13.08 4.39
N GLN A 533 3.19 -12.21 5.37
CA GLN A 533 3.20 -12.62 6.76
C GLN A 533 2.13 -13.69 7.01
N ALA A 534 0.97 -13.54 6.38
CA ALA A 534 -0.08 -14.53 6.56
C ALA A 534 0.35 -15.89 6.04
N GLU A 535 1.00 -15.93 4.88
CA GLU A 535 1.50 -17.19 4.34
C GLU A 535 2.57 -17.79 5.25
N THR A 536 3.46 -16.95 5.79
CA THR A 536 4.44 -17.42 6.76
C THR A 536 3.75 -18.10 7.94
N ILE A 537 2.72 -17.44 8.49
CA ILE A 537 1.99 -17.99 9.62
C ILE A 537 1.36 -19.33 9.25
N ILE A 538 0.72 -19.39 8.08
CA ILE A 538 0.01 -20.60 7.67
C ILE A 538 0.98 -21.75 7.52
N LYS A 539 2.12 -21.51 6.88
CA LYS A 539 3.09 -22.57 6.65
C LYS A 539 3.66 -23.08 7.97
N THR A 540 4.06 -22.17 8.86
CA THR A 540 4.62 -22.63 10.13
C THR A 540 3.59 -23.37 10.96
N ALA A 541 2.33 -22.94 10.92
CA ALA A 541 1.28 -23.63 11.67
C ALA A 541 1.04 -25.03 11.12
N GLN A 542 1.00 -25.17 9.78
CA GLN A 542 0.80 -26.49 9.20
C GLN A 542 1.94 -27.43 9.55
N LYS A 543 3.18 -26.92 9.49
CA LYS A 543 4.32 -27.74 9.87
C LYS A 543 4.23 -28.14 11.34
N ALA A 544 3.80 -27.21 12.21
CA ALA A 544 3.65 -27.54 13.61
C ALA A 544 2.63 -28.65 13.81
N LYS A 545 1.49 -28.56 13.12
CA LYS A 545 0.47 -29.60 13.27
C LYS A 545 1.01 -30.97 12.84
N GLU A 546 1.68 -31.02 11.68
CA GLU A 546 2.17 -32.30 11.19
C GLU A 546 3.24 -32.86 12.12
N VAL A 547 4.13 -32.01 12.62
CA VAL A 547 5.17 -32.49 13.52
C VAL A 547 4.56 -32.99 14.83
N TYR A 548 3.55 -32.29 15.35
CA TYR A 548 2.88 -32.76 16.56
C TYR A 548 2.24 -34.12 16.33
N GLN A 549 1.59 -34.30 15.17
CA GLN A 549 1.00 -35.60 14.86
C GLN A 549 2.06 -36.70 14.84
N LYS A 550 3.15 -36.50 14.09
CA LYS A 550 4.18 -37.55 13.87
C LYS A 550 4.89 -37.90 15.18
N MET A 551 5.15 -36.92 16.04
CA MET A 551 5.86 -37.16 17.32
C MET A 551 5.04 -38.16 18.10
N GLN A 552 3.75 -37.91 18.21
CA GLN A 552 2.83 -38.78 18.99
C GLN A 552 2.54 -40.09 18.27
N LYS A 553 2.49 -41.21 18.99
CA LYS A 553 2.03 -42.52 18.45
C LYS A 553 1.37 -43.20 19.65
N PRO A 554 0.28 -42.64 20.25
CA PRO A 554 -0.26 -43.17 21.50
C PRO A 554 -1.25 -44.33 21.32
N ALA A 555 -0.74 -45.53 21.06
CA ALA A 555 -1.56 -46.75 20.86
C ALA A 555 -1.49 -47.64 22.11
N VAL A 556 -1.05 -47.11 23.25
CA VAL A 556 -1.00 -47.89 24.52
C VAL A 556 -2.45 -48.32 24.70
N ASP A 557 -3.37 -47.41 24.49
CA ASP A 557 -4.82 -47.71 24.45
C ASP A 557 -5.40 -46.50 23.74
N LEU A 558 -6.53 -46.64 23.06
CA LEU A 558 -7.21 -45.49 22.44
C LEU A 558 -8.66 -45.56 22.90
N THR A 559 -9.07 -44.67 23.80
CA THR A 559 -10.47 -44.65 24.26
C THR A 559 -11.27 -44.12 23.09
N LYS A 560 -12.26 -44.86 22.63
CA LYS A 560 -13.09 -44.48 21.46
C LYS A 560 -14.47 -45.05 21.69
N HIS A 561 -15.46 -44.62 20.90
CA HIS A 561 -16.83 -45.16 20.99
C HIS A 561 -17.27 -45.21 22.45
N LEU A 562 -17.39 -44.07 23.13
CA LEU A 562 -17.86 -44.00 24.53
C LEU A 562 -19.28 -44.59 24.61
N ILE A 563 -19.65 -45.23 25.71
CA ILE A 563 -20.96 -45.93 25.83
C ILE A 563 -22.04 -44.87 26.02
N VAL A 564 -23.00 -44.79 25.10
CA VAL A 564 -24.09 -43.78 25.12
C VAL A 564 -25.42 -44.45 25.52
N SER A 565 -25.59 -45.73 25.24
CA SER A 565 -26.83 -46.49 25.55
C SER A 565 -26.49 -47.88 26.09
N GLY A 566 -27.34 -48.44 26.95
CA GLY A 566 -27.14 -49.78 27.52
C GLY A 566 -28.16 -50.76 26.99
#